data_3A72
#
_entry.id   3A72
#
_cell.length_a   66.959
_cell.length_b   77.117
_cell.length_c   79.574
_cell.angle_alpha   90.00
_cell.angle_beta   90.00
_cell.angle_gamma   90.00
#
_symmetry.space_group_name_H-M   'P 21 21 21'
#
loop_
_entity.id
_entity.type
_entity.pdbx_description
1 polymer Exo-arabinanase
2 branched alpha-L-arabinofuranose-(1-5)-alpha-L-arabinofuranose
3 water water
#
_entity_poly.entity_id   1
_entity_poly.type   'polypeptide(L)'
_entity_poly.pdbx_seq_one_letter_code
;SSPTSLTNVTIFSPPSDYIVPRTLYPRNEQLPNGDLLATWENYSPEPPAVYFPIYRSKDHGKTWNEISRVHDTVNGYGLR
YQPFLYSLPERVGSFKKGTLLLAGSSIPTDLSSTDIVLYASQDDGMTWDFVSHIAAGGEARPNNGLTPVWEPFLLANKGK
LICYYSDQRDNATYGQTMVHQVTNDLKNWGPVVEDVTYPTYTDRPGMPVVTKLPNGQYFYVYEYGSFFGTETYSFPLYYR
LSSDPENIASAPGQRLVVSSGTQPTSSPYAVWTPYGGENGTIIVSSGTQGTLFINKALGEGEWTEIPCPEEHGYTRALRV
LSEDGGRYLVVNSAGVLLGENNRVSVSVMDLKEVL
;
_entity_poly.pdbx_strand_id   A
#
# COMPACT_ATOMS: atom_id res chain seq x y z
N PRO A 3 15.09 0.54 18.95
CA PRO A 3 13.82 1.25 18.74
C PRO A 3 13.11 1.32 20.09
N THR A 4 12.16 2.23 20.10
CA THR A 4 11.32 2.43 21.26
C THR A 4 9.92 2.75 20.78
N SER A 5 8.96 2.64 21.73
CA SER A 5 7.61 3.12 21.48
C SER A 5 7.63 4.61 21.20
N LEU A 6 6.84 5.04 20.20
CA LEU A 6 6.68 6.42 19.84
C LEU A 6 5.21 6.65 19.49
N THR A 7 4.68 7.83 19.78
CA THR A 7 3.30 8.10 19.49
C THR A 7 3.16 9.39 18.75
N ASN A 8 2.56 9.31 17.55
CA ASN A 8 2.11 10.47 16.81
C ASN A 8 3.21 11.45 16.46
N VAL A 9 4.36 10.93 16.04
CA VAL A 9 5.49 11.75 15.60
C VAL A 9 5.14 12.37 14.25
N THR A 10 5.35 13.67 14.11
CA THR A 10 5.12 14.32 12.82
C THR A 10 6.27 14.08 11.85
N ILE A 11 5.96 13.51 10.71
CA ILE A 11 6.91 13.41 9.63
C ILE A 11 6.87 14.66 8.77
N PHE A 12 5.64 15.10 8.42
CA PHE A 12 5.44 16.28 7.59
C PHE A 12 4.09 16.91 7.88
N SER A 13 4.08 18.20 8.17
CA SER A 13 2.88 18.98 8.31
C SER A 13 2.78 19.92 7.12
N PRO A 14 1.81 19.74 6.25
CA PRO A 14 1.81 20.45 4.98
C PRO A 14 1.45 21.93 5.16
N PRO A 15 1.98 22.77 4.25
CA PRO A 15 1.57 24.18 4.24
C PRO A 15 0.10 24.33 3.95
N SER A 16 -0.51 25.40 4.49
CA SER A 16 -1.92 25.58 4.31
C SER A 16 -2.32 25.80 2.86
N ASP A 17 -1.36 26.28 2.08
CA ASP A 17 -1.62 26.51 0.66
C ASP A 17 -1.52 25.23 -0.22
N TYR A 18 -1.16 24.10 0.34
CA TYR A 18 -1.38 22.85 -0.36
C TYR A 18 -2.88 22.67 -0.52
N ILE A 19 -3.26 21.88 -1.53
CA ILE A 19 -4.67 21.71 -1.86
C ILE A 19 -5.23 20.56 -1.08
N VAL A 20 -6.34 20.77 -0.36
CA VAL A 20 -7.00 19.70 0.40
C VAL A 20 -7.14 18.48 -0.49
N PRO A 21 -6.73 17.29 -0.06
CA PRO A 21 -6.39 16.91 1.31
C PRO A 21 -4.99 17.22 1.76
N ARG A 22 -4.14 17.79 0.93
CA ARG A 22 -2.77 18.22 1.21
C ARG A 22 -1.76 17.07 1.24
N THR A 23 -2.07 16.08 2.08
CA THR A 23 -1.32 14.83 2.09
C THR A 23 -2.35 13.70 2.12
N LEU A 24 -1.96 12.54 1.63
CA LEU A 24 -2.79 11.35 1.65
C LEU A 24 -1.95 10.14 1.28
N TYR A 25 -2.35 8.94 1.64
CA TYR A 25 -1.84 7.71 1.07
C TYR A 25 -0.39 7.46 1.52
N PRO A 26 -0.19 7.15 2.81
CA PRO A 26 1.16 6.95 3.31
C PRO A 26 1.72 5.65 2.83
N ARG A 27 2.98 5.62 2.46
CA ARG A 27 3.73 4.37 2.21
C ARG A 27 5.12 4.56 2.80
N ASN A 28 5.78 3.43 3.11
CA ASN A 28 7.09 3.48 3.71
C ASN A 28 7.88 2.23 3.32
N GLU A 29 9.16 2.27 3.64
CA GLU A 29 10.04 1.12 3.46
C GLU A 29 11.11 1.17 4.55
N GLN A 30 11.63 0.02 4.94
CA GLN A 30 12.80 -0.08 5.78
C GLN A 30 13.91 -0.69 4.92
N LEU A 31 15.02 0.01 4.83
CA LEU A 31 16.17 -0.44 4.07
C LEU A 31 16.91 -1.48 4.89
N PRO A 32 17.74 -2.33 4.29
CA PRO A 32 18.45 -3.38 5.07
C PRO A 32 19.26 -2.85 6.25
N ASN A 33 19.80 -1.62 6.16
CA ASN A 33 20.55 -1.07 7.30
C ASN A 33 19.68 -0.58 8.43
N GLY A 34 18.37 -0.68 8.28
CA GLY A 34 17.41 -0.27 9.26
C GLY A 34 16.78 1.07 9.04
N ASP A 35 17.33 1.91 8.17
CA ASP A 35 16.77 3.22 7.92
C ASP A 35 15.32 3.11 7.39
N LEU A 36 14.51 4.09 7.77
CA LEU A 36 13.10 4.18 7.37
C LEU A 36 12.93 5.31 6.36
N LEU A 37 12.18 5.01 5.31
CA LEU A 37 11.76 6.01 4.32
C LEU A 37 10.26 6.07 4.27
N ALA A 38 9.74 7.28 4.08
CA ALA A 38 8.32 7.54 4.00
C ALA A 38 8.04 8.42 2.80
N THR A 39 6.88 8.18 2.18
CA THR A 39 6.34 9.01 1.12
C THR A 39 4.82 9.04 1.20
N TRP A 40 4.19 9.85 0.37
CA TRP A 40 2.79 10.13 0.36
C TRP A 40 2.44 10.91 -0.88
N GLU A 41 1.16 10.95 -1.22
CA GLU A 41 0.61 11.88 -2.18
C GLU A 41 0.71 13.29 -1.61
N ASN A 42 1.37 14.18 -2.36
CA ASN A 42 1.77 15.50 -1.88
C ASN A 42 1.09 16.53 -2.77
N TYR A 43 0.06 17.15 -2.26
CA TYR A 43 -0.87 17.99 -3.07
C TYR A 43 -0.39 19.44 -3.09
N SER A 44 0.78 19.65 -3.64
CA SER A 44 1.37 20.97 -3.79
C SER A 44 0.66 21.69 -4.93
N PRO A 45 0.59 23.05 -4.84
CA PRO A 45 0.04 23.80 -5.96
C PRO A 45 0.90 23.71 -7.18
N GLU A 46 0.26 23.59 -8.37
CA GLU A 46 0.93 23.39 -9.64
C GLU A 46 0.71 24.59 -10.53
N PRO A 47 1.62 24.89 -11.44
CA PRO A 47 2.93 24.24 -11.64
C PRO A 47 3.90 24.61 -10.53
N PRO A 48 5.00 23.91 -10.41
CA PRO A 48 5.35 22.76 -11.23
C PRO A 48 4.61 21.51 -10.86
N ALA A 49 4.78 20.47 -11.61
CA ALA A 49 4.00 19.23 -11.45
C ALA A 49 4.30 18.58 -10.08
N VAL A 50 3.26 17.97 -9.50
CA VAL A 50 3.42 17.29 -8.22
C VAL A 50 4.47 16.15 -8.32
N TYR A 51 5.03 15.84 -7.15
CA TYR A 51 6.08 14.86 -7.00
C TYR A 51 5.83 14.02 -5.76
N PHE A 52 6.56 12.93 -5.60
CA PHE A 52 6.54 12.17 -4.35
C PHE A 52 7.78 12.49 -3.50
N PRO A 53 7.58 13.08 -2.32
CA PRO A 53 8.72 13.39 -1.44
C PRO A 53 9.20 12.11 -0.77
N ILE A 54 10.50 12.08 -0.48
CA ILE A 54 11.10 10.93 0.21
C ILE A 54 11.72 11.46 1.48
N TYR A 55 11.17 11.08 2.63
CA TYR A 55 11.66 11.49 3.95
C TYR A 55 12.29 10.29 4.60
N ARG A 56 13.41 10.51 5.31
CA ARG A 56 14.16 9.45 5.98
C ARG A 56 14.24 9.68 7.46
N SER A 57 14.21 8.59 8.21
CA SER A 57 14.56 8.57 9.64
C SER A 57 15.67 7.59 9.86
N LYS A 58 16.72 8.03 10.55
CA LYS A 58 17.86 7.22 10.95
C LYS A 58 17.89 6.94 12.44
N ASP A 59 16.81 7.26 13.17
CA ASP A 59 16.72 7.07 14.62
C ASP A 59 15.41 6.36 14.96
N HIS A 60 14.99 5.47 14.07
CA HIS A 60 13.89 4.58 14.29
C HIS A 60 12.56 5.31 14.49
N GLY A 61 12.43 6.46 13.78
CA GLY A 61 11.22 7.19 13.68
C GLY A 61 11.10 8.41 14.55
N LYS A 62 12.12 8.69 15.38
CA LYS A 62 12.05 9.88 16.22
C LYS A 62 12.12 11.17 15.43
N THR A 63 13.00 11.23 14.42
CA THR A 63 13.16 12.42 13.59
C THR A 63 13.18 12.02 12.14
N TRP A 64 12.84 12.99 11.32
CA TRP A 64 12.61 12.83 9.87
C TRP A 64 13.19 14.00 9.09
N ASN A 65 13.76 13.75 7.93
CA ASN A 65 14.26 14.79 7.05
C ASN A 65 14.03 14.40 5.61
N GLU A 66 13.67 15.37 4.77
CA GLU A 66 13.56 15.11 3.34
C GLU A 66 14.94 14.83 2.75
N ILE A 67 15.04 13.78 1.96
CA ILE A 67 16.27 13.44 1.28
C ILE A 67 16.21 13.56 -0.24
N SER A 68 15.05 13.44 -0.83
CA SER A 68 14.92 13.51 -2.31
C SER A 68 13.42 13.67 -2.62
N ARG A 69 13.18 13.89 -3.91
CA ARG A 69 11.84 13.92 -4.48
C ARG A 69 11.82 13.14 -5.78
N VAL A 70 10.77 12.37 -6.01
CA VAL A 70 10.62 11.64 -7.28
C VAL A 70 9.69 12.48 -8.15
N HIS A 71 10.26 13.02 -9.24
CA HIS A 71 9.52 13.86 -10.17
C HIS A 71 9.11 13.06 -11.41
N ASP A 72 8.04 13.57 -12.05
CA ASP A 72 7.50 12.92 -13.25
C ASP A 72 8.31 13.32 -14.47
N THR A 73 9.50 12.71 -14.60
CA THR A 73 10.38 12.95 -15.70
C THR A 73 9.92 12.25 -16.98
N VAL A 74 9.04 11.24 -16.86
CA VAL A 74 8.63 10.49 -18.03
C VAL A 74 7.49 11.20 -18.78
N ASN A 75 6.48 11.68 -18.09
CA ASN A 75 5.35 12.32 -18.72
C ASN A 75 5.22 13.81 -18.49
N GLY A 76 5.75 14.30 -17.38
CA GLY A 76 5.59 15.67 -17.00
C GLY A 76 4.21 16.01 -16.45
N TYR A 77 3.39 15.04 -16.18
CA TYR A 77 2.03 15.22 -15.69
C TYR A 77 1.99 15.53 -14.22
N GLY A 78 2.84 14.82 -13.45
CA GLY A 78 2.84 14.85 -11.99
C GLY A 78 2.71 13.44 -11.45
N LEU A 79 3.60 13.11 -10.51
CA LEU A 79 3.47 11.82 -9.77
C LEU A 79 2.53 12.09 -8.63
N ARG A 80 1.27 11.73 -8.83
CA ARG A 80 0.15 12.31 -8.12
C ARG A 80 -0.50 11.42 -7.10
N TYR A 81 -0.79 10.17 -7.49
CA TYR A 81 -1.55 9.24 -6.67
C TYR A 81 -0.74 7.94 -6.38
N GLN A 82 -0.97 7.42 -5.18
CA GLN A 82 -0.75 6.01 -4.88
C GLN A 82 0.70 5.55 -5.09
N PRO A 83 1.64 6.21 -4.38
CA PRO A 83 3.04 5.73 -4.41
C PRO A 83 3.15 4.39 -3.70
N PHE A 84 4.28 3.74 -3.91
CA PHE A 84 4.64 2.50 -3.21
C PHE A 84 6.14 2.37 -3.27
N LEU A 85 6.81 2.24 -2.13
CA LEU A 85 8.24 2.02 -2.00
C LEU A 85 8.55 0.55 -1.82
N TYR A 86 9.62 0.06 -2.48
CA TYR A 86 9.98 -1.35 -2.32
C TYR A 86 11.48 -1.56 -2.52
N SER A 87 12.16 -1.99 -1.49
CA SER A 87 13.59 -2.37 -1.54
C SER A 87 13.65 -3.80 -2.05
N LEU A 88 14.25 -4.05 -3.22
CA LEU A 88 14.29 -5.40 -3.75
C LEU A 88 15.01 -6.32 -2.78
N PRO A 89 14.35 -7.45 -2.40
CA PRO A 89 15.03 -8.40 -1.54
C PRO A 89 15.91 -9.38 -2.22
N GLU A 90 15.93 -9.33 -3.55
CA GLU A 90 16.77 -10.18 -4.41
C GLU A 90 16.95 -9.45 -5.73
N ARG A 91 17.96 -9.83 -6.47
CA ARG A 91 18.18 -9.29 -7.82
C ARG A 91 16.97 -9.62 -8.67
N VAL A 92 16.59 -8.68 -9.52
CA VAL A 92 15.62 -8.89 -10.59
C VAL A 92 16.24 -8.38 -11.87
N GLY A 93 16.61 -9.30 -12.79
CA GLY A 93 17.22 -8.87 -14.04
C GLY A 93 18.54 -8.19 -13.76
N SER A 94 18.72 -7.02 -14.30
CA SER A 94 19.95 -6.22 -14.19
C SER A 94 19.96 -5.38 -12.90
N PHE A 95 18.94 -5.46 -12.06
CA PHE A 95 18.82 -4.64 -10.86
C PHE A 95 19.16 -5.47 -9.61
N LYS A 96 20.26 -5.05 -8.94
CA LYS A 96 20.72 -5.77 -7.77
C LYS A 96 19.71 -5.77 -6.64
N LYS A 97 19.81 -6.79 -5.76
CA LYS A 97 19.24 -6.73 -4.43
C LYS A 97 19.55 -5.37 -3.81
N GLY A 98 18.56 -4.78 -3.18
CA GLY A 98 18.75 -3.48 -2.56
C GLY A 98 18.50 -2.31 -3.44
N THR A 99 18.29 -2.51 -4.75
CA THR A 99 17.72 -1.47 -5.55
C THR A 99 16.42 -1.00 -4.88
N LEU A 100 16.20 0.28 -4.77
CA LEU A 100 15.02 0.84 -4.16
C LEU A 100 14.08 1.29 -5.27
N LEU A 101 12.87 0.77 -5.28
CA LEU A 101 11.88 1.08 -6.29
C LEU A 101 10.78 1.97 -5.72
N LEU A 102 10.24 2.80 -6.58
CA LEU A 102 8.99 3.51 -6.32
C LEU A 102 8.08 3.24 -7.51
N ALA A 103 6.89 2.73 -7.26
CA ALA A 103 5.82 2.73 -8.24
C ALA A 103 4.81 3.78 -7.83
N GLY A 104 4.12 4.39 -8.79
CA GLY A 104 3.09 5.34 -8.47
C GLY A 104 2.44 5.86 -9.72
N SER A 105 1.36 6.63 -9.60
CA SER A 105 0.58 6.98 -10.75
C SER A 105 0.82 8.42 -11.20
N SER A 106 1.25 8.54 -12.45
CA SER A 106 1.42 9.79 -13.18
C SER A 106 0.10 10.17 -13.80
N ILE A 107 -0.39 11.36 -13.43
CA ILE A 107 -1.77 11.78 -13.70
C ILE A 107 -1.71 13.28 -13.98
N PRO A 108 -2.26 13.77 -15.08
CA PRO A 108 -2.30 15.23 -15.29
C PRO A 108 -3.23 15.88 -14.27
N THR A 109 -3.08 17.21 -14.10
CA THR A 109 -3.91 17.97 -13.19
C THR A 109 -5.39 17.76 -13.46
N ASP A 110 -5.75 17.64 -14.75
CA ASP A 110 -7.16 17.45 -15.14
C ASP A 110 -7.70 16.05 -14.85
N LEU A 111 -6.91 15.15 -14.28
CA LEU A 111 -7.36 13.81 -13.90
C LEU A 111 -7.75 12.97 -15.11
N SER A 112 -7.24 13.30 -16.30
CA SER A 112 -7.75 12.65 -17.50
C SER A 112 -7.20 11.27 -17.76
N SER A 113 -6.14 10.86 -17.12
CA SER A 113 -5.51 9.57 -17.36
C SER A 113 -4.75 9.12 -16.13
N THR A 114 -4.41 7.83 -16.13
CA THR A 114 -3.62 7.19 -15.09
C THR A 114 -2.49 6.39 -15.71
N ASP A 115 -1.33 6.36 -15.06
CA ASP A 115 -0.18 5.67 -15.61
C ASP A 115 0.71 5.26 -14.44
N ILE A 116 0.67 3.99 -14.08
CA ILE A 116 1.53 3.46 -13.01
C ILE A 116 2.90 3.27 -13.61
N VAL A 117 3.84 4.05 -13.11
CA VAL A 117 5.24 4.09 -13.56
C VAL A 117 6.15 3.58 -12.44
N LEU A 118 7.31 3.12 -12.84
CA LEU A 118 8.33 2.54 -11.99
C LEU A 118 9.62 3.35 -12.10
N TYR A 119 10.11 3.83 -10.96
CA TYR A 119 11.38 4.53 -10.78
C TYR A 119 12.28 3.68 -9.89
N ALA A 120 13.60 3.83 -10.08
CA ALA A 120 14.59 3.09 -9.29
C ALA A 120 15.66 4.03 -8.79
N SER A 121 16.16 3.71 -7.61
CA SER A 121 17.28 4.36 -7.00
C SER A 121 18.33 3.33 -6.60
N GLN A 122 19.58 3.58 -6.94
CA GLN A 122 20.67 2.71 -6.61
C GLN A 122 21.45 3.22 -5.41
N ASP A 123 21.07 4.31 -4.79
CA ASP A 123 21.80 4.94 -3.71
C ASP A 123 20.90 5.20 -2.54
N ASP A 124 20.01 4.24 -2.26
CA ASP A 124 19.21 4.25 -1.03
C ASP A 124 18.28 5.45 -0.98
N GLY A 125 17.80 5.89 -2.15
CA GLY A 125 16.80 6.95 -2.21
C GLY A 125 17.32 8.35 -2.38
N MET A 126 18.60 8.53 -2.70
CA MET A 126 19.09 9.88 -2.95
C MET A 126 18.78 10.39 -4.38
N THR A 127 18.91 9.49 -5.34
CA THR A 127 18.65 9.83 -6.73
C THR A 127 17.80 8.75 -7.38
N TRP A 128 17.09 9.12 -8.43
CA TRP A 128 16.06 8.27 -9.06
C TRP A 128 16.17 8.36 -10.57
N ASP A 129 15.82 7.25 -11.21
CA ASP A 129 15.72 7.19 -12.65
C ASP A 129 14.45 6.42 -13.04
N PHE A 130 13.81 6.88 -14.09
CA PHE A 130 12.65 6.17 -14.67
C PHE A 130 13.11 4.83 -15.22
N VAL A 131 12.33 3.79 -14.97
CA VAL A 131 12.58 2.46 -15.51
C VAL A 131 11.56 2.04 -16.53
N SER A 132 10.26 2.05 -16.20
CA SER A 132 9.26 1.59 -17.15
C SER A 132 7.86 2.08 -16.73
N HIS A 133 6.97 2.03 -17.71
CA HIS A 133 5.55 2.04 -17.42
C HIS A 133 5.12 0.62 -17.07
N ILE A 134 4.30 0.48 -16.03
CA ILE A 134 3.70 -0.84 -15.69
C ILE A 134 2.36 -0.99 -16.39
N ALA A 135 1.46 -0.01 -16.18
CA ALA A 135 0.09 -0.14 -16.65
C ALA A 135 -0.53 1.24 -16.69
N ALA A 136 -1.29 1.54 -17.74
CA ALA A 136 -1.91 2.85 -17.91
C ALA A 136 -3.39 2.68 -18.20
N GLY A 137 -4.17 3.67 -17.83
CA GLY A 137 -5.60 3.66 -18.02
C GLY A 137 -6.17 5.06 -18.12
N GLY A 138 -7.48 5.12 -17.90
CA GLY A 138 -8.29 6.32 -18.11
C GLY A 138 -8.42 7.20 -16.89
N GLU A 139 -9.53 7.93 -16.88
CA GLU A 139 -9.78 9.07 -16.01
C GLU A 139 -9.67 8.65 -14.54
N ALA A 140 -8.93 9.46 -13.76
CA ALA A 140 -8.59 9.17 -12.36
C ALA A 140 -9.70 9.53 -11.40
N ARG A 141 -10.89 8.97 -11.65
CA ARG A 141 -11.99 9.07 -10.69
C ARG A 141 -12.62 7.67 -10.54
N PRO A 142 -13.01 7.31 -9.33
CA PRO A 142 -13.52 5.95 -9.04
C PRO A 142 -15.00 5.84 -9.34
N ASN A 143 -15.38 6.10 -10.57
CA ASN A 143 -16.74 5.96 -11.05
C ASN A 143 -16.82 4.83 -12.04
N ASN A 144 -17.86 4.05 -11.96
CA ASN A 144 -18.09 2.96 -12.92
C ASN A 144 -18.17 3.51 -14.33
N GLY A 145 -17.68 2.70 -15.27
CA GLY A 145 -17.61 3.03 -16.67
C GLY A 145 -16.35 3.67 -17.12
N LEU A 146 -15.65 4.32 -16.17
CA LEU A 146 -14.33 4.84 -16.44
C LEU A 146 -13.33 3.69 -16.40
N THR A 147 -12.11 3.97 -16.96
CA THR A 147 -11.11 2.93 -17.09
C THR A 147 -9.76 3.20 -16.41
N PRO A 148 -9.69 3.84 -15.24
CA PRO A 148 -8.38 4.03 -14.58
C PRO A 148 -7.77 2.73 -14.06
N VAL A 149 -6.47 2.84 -13.79
CA VAL A 149 -5.74 1.90 -12.98
C VAL A 149 -5.28 2.62 -11.70
N TRP A 150 -5.06 1.86 -10.63
CA TRP A 150 -4.80 2.45 -9.33
C TRP A 150 -3.93 1.57 -8.43
N GLU A 151 -3.25 2.17 -7.47
CA GLU A 151 -2.89 1.49 -6.20
C GLU A 151 -1.90 0.32 -6.38
N PRO A 152 -0.73 0.55 -6.92
CA PRO A 152 0.26 -0.51 -7.06
C PRO A 152 0.77 -1.05 -5.70
N PHE A 153 1.03 -2.34 -5.68
CA PHE A 153 1.69 -3.02 -4.57
C PHE A 153 2.75 -3.94 -5.19
N LEU A 154 3.99 -3.84 -4.76
CA LEU A 154 5.10 -4.59 -5.34
C LEU A 154 5.57 -5.72 -4.44
N LEU A 155 5.89 -6.86 -5.04
CA LEU A 155 6.38 -8.02 -4.31
C LEU A 155 7.28 -8.83 -5.23
N ALA A 156 8.48 -9.17 -4.83
CA ALA A 156 9.38 -10.02 -5.60
C ALA A 156 9.27 -11.47 -5.12
N ASN A 157 9.47 -12.39 -6.07
CA ASN A 157 9.49 -13.80 -5.79
C ASN A 157 10.23 -14.50 -6.94
N LYS A 158 11.18 -15.36 -6.61
CA LYS A 158 11.83 -16.20 -7.60
C LYS A 158 12.36 -15.40 -8.79
N GLY A 159 13.05 -14.30 -8.51
CA GLY A 159 13.70 -13.54 -9.52
C GLY A 159 12.78 -12.67 -10.35
N LYS A 160 11.53 -12.55 -9.97
CA LYS A 160 10.53 -11.76 -10.67
C LYS A 160 9.96 -10.69 -9.72
N LEU A 161 9.48 -9.63 -10.33
CA LEU A 161 8.73 -8.64 -9.60
C LEU A 161 7.26 -8.66 -10.07
N ILE A 162 6.38 -8.75 -9.10
CA ILE A 162 4.96 -8.71 -9.32
C ILE A 162 4.44 -7.34 -8.90
N CYS A 163 3.62 -6.72 -9.76
CA CYS A 163 2.88 -5.51 -9.38
C CYS A 163 1.38 -5.85 -9.40
N TYR A 164 0.80 -5.86 -8.21
CA TYR A 164 -0.66 -5.98 -8.03
C TYR A 164 -1.25 -4.59 -8.09
N TYR A 165 -2.44 -4.43 -8.67
CA TYR A 165 -3.08 -3.11 -8.73
C TYR A 165 -4.55 -3.31 -8.99
N SER A 166 -5.31 -2.21 -8.80
CA SER A 166 -6.72 -2.16 -9.08
C SER A 166 -6.96 -1.68 -10.51
N ASP A 167 -7.95 -2.25 -11.19
CA ASP A 167 -8.10 -2.05 -12.62
C ASP A 167 -9.55 -1.82 -12.97
N GLN A 168 -9.88 -0.72 -13.63
CA GLN A 168 -11.19 -0.47 -14.15
C GLN A 168 -11.27 -0.64 -15.68
N ARG A 169 -10.21 -1.11 -16.34
CA ARG A 169 -10.22 -1.13 -17.79
C ARG A 169 -11.18 -2.17 -18.38
N ASP A 170 -11.52 -3.22 -17.66
CA ASP A 170 -12.51 -4.17 -18.20
C ASP A 170 -13.94 -3.73 -17.84
N ASN A 171 -14.26 -2.52 -18.29
CA ASN A 171 -15.45 -1.79 -17.83
C ASN A 171 -16.73 -2.35 -18.43
N ALA A 172 -16.62 -3.13 -19.50
CA ALA A 172 -17.88 -3.70 -20.00
C ALA A 172 -18.42 -4.76 -19.06
N THR A 173 -17.59 -5.32 -18.17
CA THR A 173 -18.01 -6.42 -17.42
C THR A 173 -17.98 -6.19 -15.90
N TYR A 174 -17.09 -5.37 -15.41
CA TYR A 174 -16.86 -5.16 -13.99
C TYR A 174 -16.77 -3.69 -13.69
N GLY A 175 -17.28 -3.25 -12.52
CA GLY A 175 -17.01 -1.92 -12.06
C GLY A 175 -15.52 -1.71 -11.82
N GLN A 176 -14.90 -2.66 -11.11
CA GLN A 176 -13.47 -2.68 -10.86
C GLN A 176 -13.06 -4.13 -10.61
N THR A 177 -11.83 -4.46 -10.94
CA THR A 177 -11.18 -5.72 -10.58
C THR A 177 -9.86 -5.44 -9.91
N MET A 178 -9.17 -6.49 -9.45
CA MET A 178 -7.76 -6.35 -9.12
C MET A 178 -6.99 -7.40 -9.95
N VAL A 179 -5.83 -7.01 -10.36
CA VAL A 179 -4.99 -7.71 -11.34
C VAL A 179 -3.54 -7.66 -10.92
N HIS A 180 -2.69 -8.32 -11.71
CA HIS A 180 -1.26 -8.10 -11.58
C HIS A 180 -0.59 -8.26 -12.95
N GLN A 181 0.63 -7.75 -13.02
CA GLN A 181 1.57 -8.06 -14.09
C GLN A 181 2.89 -8.44 -13.46
N VAL A 182 3.70 -9.21 -14.20
CA VAL A 182 4.96 -9.73 -13.72
C VAL A 182 6.08 -9.35 -14.67
N THR A 183 7.28 -9.14 -14.14
CA THR A 183 8.45 -8.89 -14.92
C THR A 183 9.65 -9.63 -14.36
N ASN A 184 10.57 -10.03 -15.26
CA ASN A 184 11.87 -10.56 -14.80
C ASN A 184 12.99 -9.58 -15.05
N ASP A 185 12.71 -8.35 -15.45
CA ASP A 185 13.79 -7.40 -15.73
C ASP A 185 13.46 -5.94 -15.38
N LEU A 186 12.33 -5.58 -14.82
CA LEU A 186 11.72 -4.31 -14.50
C LEU A 186 11.33 -3.48 -15.71
N LYS A 187 11.57 -3.96 -16.93
CA LYS A 187 11.40 -3.22 -18.13
C LYS A 187 10.28 -3.75 -18.96
N ASN A 188 10.19 -5.03 -19.07
CA ASN A 188 9.18 -5.65 -19.91
C ASN A 188 8.21 -6.34 -18.98
N TRP A 189 6.92 -5.99 -19.13
CA TRP A 189 5.91 -6.58 -18.26
C TRP A 189 5.03 -7.61 -19.05
N GLY A 190 4.66 -8.71 -18.38
CA GLY A 190 3.81 -9.69 -18.98
C GLY A 190 2.36 -9.22 -19.02
N PRO A 191 1.48 -10.07 -19.50
CA PRO A 191 0.12 -9.63 -19.67
C PRO A 191 -0.60 -9.43 -18.35
N VAL A 192 -1.68 -8.68 -18.42
CA VAL A 192 -2.55 -8.50 -17.26
C VAL A 192 -3.18 -9.83 -16.87
N VAL A 193 -3.09 -10.20 -15.63
CA VAL A 193 -3.71 -11.39 -15.02
C VAL A 193 -4.78 -10.94 -14.06
N GLU A 194 -6.02 -11.39 -14.28
CA GLU A 194 -7.10 -11.06 -13.35
C GLU A 194 -6.99 -11.87 -12.08
N ASP A 195 -6.96 -11.22 -10.96
CA ASP A 195 -6.85 -11.88 -9.65
C ASP A 195 -8.19 -11.96 -8.93
N VAL A 196 -8.88 -10.81 -8.85
CA VAL A 196 -10.13 -10.75 -8.11
C VAL A 196 -11.18 -10.09 -9.02
N THR A 197 -12.17 -10.88 -9.41
CA THR A 197 -13.33 -10.44 -10.16
C THR A 197 -14.57 -11.01 -9.53
N TYR A 198 -15.67 -10.28 -9.68
CA TYR A 198 -17.00 -10.73 -9.14
C TYR A 198 -18.05 -10.55 -10.23
N PRO A 199 -19.08 -11.41 -10.17
CA PRO A 199 -20.10 -11.40 -11.23
C PRO A 199 -21.17 -10.38 -11.12
N THR A 200 -21.18 -9.52 -10.10
CA THR A 200 -22.09 -8.41 -10.01
C THR A 200 -21.38 -7.16 -10.46
N TYR A 201 -21.92 -6.45 -11.47
CA TYR A 201 -21.22 -5.30 -12.04
C TYR A 201 -20.82 -4.25 -11.03
N THR A 202 -21.70 -3.93 -10.11
CA THR A 202 -21.47 -2.90 -9.13
C THR A 202 -20.45 -3.29 -8.06
N ASP A 203 -20.00 -4.52 -8.01
CA ASP A 203 -18.90 -4.86 -7.09
C ASP A 203 -17.62 -4.15 -7.53
N ARG A 204 -16.91 -3.65 -6.53
CA ARG A 204 -15.63 -2.94 -6.73
C ARG A 204 -14.66 -3.43 -5.65
N PRO A 205 -14.11 -4.64 -5.82
CA PRO A 205 -12.95 -5.02 -5.02
C PRO A 205 -11.80 -4.08 -5.35
N GLY A 206 -10.98 -3.72 -4.38
CA GLY A 206 -9.88 -2.80 -4.61
C GLY A 206 -8.84 -2.88 -3.52
N MET A 207 -7.70 -2.24 -3.80
CA MET A 207 -6.66 -1.89 -2.87
C MET A 207 -5.92 -3.11 -2.33
N PRO A 208 -5.23 -3.85 -3.22
CA PRO A 208 -4.59 -5.10 -2.80
C PRO A 208 -3.30 -4.86 -2.03
N VAL A 209 -3.15 -5.58 -0.92
CA VAL A 209 -1.94 -5.54 -0.14
C VAL A 209 -1.60 -6.99 0.23
N VAL A 210 -0.32 -7.39 0.15
CA VAL A 210 0.06 -8.80 0.34
C VAL A 210 1.12 -8.87 1.41
N THR A 211 1.07 -9.91 2.23
CA THR A 211 2.18 -10.26 3.13
C THR A 211 2.40 -11.76 3.08
N LYS A 212 3.66 -12.19 3.04
CA LYS A 212 4.00 -13.59 3.03
C LYS A 212 4.03 -14.14 4.45
N LEU A 213 3.43 -15.30 4.66
CA LEU A 213 3.34 -15.95 5.95
C LEU A 213 4.46 -17.00 6.10
N PRO A 214 4.77 -17.39 7.32
CA PRO A 214 5.96 -18.25 7.55
C PRO A 214 5.81 -19.67 7.04
N ASN A 215 4.61 -20.11 6.71
CA ASN A 215 4.40 -21.43 6.12
C ASN A 215 4.36 -21.40 4.60
N GLY A 216 4.71 -20.28 3.99
CA GLY A 216 4.75 -20.15 2.54
C GLY A 216 3.46 -19.70 1.90
N GLN A 217 2.37 -19.61 2.68
CA GLN A 217 1.17 -18.97 2.13
C GLN A 217 1.36 -17.46 2.03
N TYR A 218 0.70 -16.86 1.06
CA TYR A 218 0.59 -15.42 0.92
C TYR A 218 -0.80 -15.02 1.33
N PHE A 219 -0.85 -13.96 2.16
CA PHE A 219 -2.08 -13.33 2.66
C PHE A 219 -2.35 -12.09 1.81
N TYR A 220 -3.36 -12.17 0.98
CA TYR A 220 -3.76 -11.12 0.03
C TYR A 220 -5.00 -10.47 0.58
N VAL A 221 -4.95 -9.23 1.00
CA VAL A 221 -6.06 -8.52 1.61
C VAL A 221 -6.50 -7.39 0.68
N TYR A 222 -7.81 -7.11 0.77
CA TYR A 222 -8.43 -6.09 -0.09
C TYR A 222 -9.70 -5.60 0.56
N GLU A 223 -10.17 -4.42 0.09
CA GLU A 223 -11.54 -3.99 0.39
C GLU A 223 -12.45 -4.57 -0.66
N TYR A 224 -13.59 -5.08 -0.24
CA TYR A 224 -14.57 -5.68 -1.18
C TYR A 224 -15.77 -4.71 -1.21
N GLY A 225 -15.76 -3.77 -2.15
CA GLY A 225 -16.92 -2.90 -2.33
C GLY A 225 -18.06 -3.69 -2.95
N SER A 226 -19.24 -3.66 -2.32
CA SER A 226 -20.42 -4.31 -2.84
C SER A 226 -21.63 -3.78 -2.10
N PHE A 227 -22.80 -3.93 -2.77
CA PHE A 227 -24.09 -3.85 -2.08
C PHE A 227 -24.41 -5.12 -1.33
N PHE A 228 -23.79 -6.25 -1.66
CA PHE A 228 -24.13 -7.57 -1.10
C PHE A 228 -25.62 -7.81 -1.17
N GLY A 229 -26.23 -7.38 -2.28
CA GLY A 229 -27.63 -7.62 -2.51
C GLY A 229 -28.59 -6.71 -1.74
N THR A 230 -28.09 -5.72 -1.04
CA THR A 230 -28.88 -4.75 -0.29
C THR A 230 -28.85 -3.41 -1.01
N GLU A 231 -29.47 -2.46 -0.30
CA GLU A 231 -29.52 -1.12 -0.86
C GLU A 231 -28.41 -0.18 -0.39
N THR A 232 -27.47 -0.55 0.44
CA THR A 232 -26.37 0.04 1.05
C THR A 232 -25.05 -0.61 0.65
N TYR A 233 -24.15 0.26 0.18
CA TYR A 233 -22.79 -0.14 -0.24
C TYR A 233 -21.89 -0.18 0.96
N SER A 234 -20.93 -1.15 0.97
CA SER A 234 -19.92 -1.16 2.01
C SER A 234 -18.63 -1.74 1.42
N PHE A 235 -17.54 -1.57 2.19
CA PHE A 235 -16.20 -1.98 1.79
C PHE A 235 -15.56 -2.87 2.86
N PRO A 236 -16.18 -3.98 3.24
CA PRO A 236 -15.55 -4.88 4.23
C PRO A 236 -14.24 -5.43 3.75
N LEU A 237 -13.36 -5.69 4.72
CA LEU A 237 -12.09 -6.32 4.39
C LEU A 237 -12.27 -7.82 4.15
N TYR A 238 -11.64 -8.29 3.08
CA TYR A 238 -11.59 -9.70 2.68
C TYR A 238 -10.16 -10.08 2.44
N TYR A 239 -9.85 -11.38 2.55
CA TYR A 239 -8.56 -11.87 2.15
C TYR A 239 -8.69 -13.19 1.42
N ARG A 240 -7.64 -13.47 0.66
CA ARG A 240 -7.43 -14.73 -0.05
C ARG A 240 -6.06 -15.24 0.36
N LEU A 241 -5.97 -16.59 0.43
CA LEU A 241 -4.75 -17.27 0.80
C LEU A 241 -4.29 -18.17 -0.33
N SER A 242 -3.03 -18.05 -0.71
CA SER A 242 -2.45 -18.86 -1.80
C SER A 242 -1.00 -19.05 -1.55
N SER A 243 -0.45 -20.23 -1.86
CA SER A 243 1.01 -20.45 -1.78
C SER A 243 1.71 -20.09 -3.04
N ASP A 244 1.07 -19.64 -4.08
CA ASP A 244 1.49 -19.14 -5.36
C ASP A 244 1.05 -17.68 -5.48
N PRO A 245 1.99 -16.74 -5.34
CA PRO A 245 1.59 -15.34 -5.31
C PRO A 245 1.09 -14.83 -6.65
N GLU A 246 1.24 -15.59 -7.71
CA GLU A 246 0.69 -15.26 -9.03
C GLU A 246 -0.70 -15.91 -9.28
N ASN A 247 -1.18 -16.70 -8.34
CA ASN A 247 -2.46 -17.35 -8.52
C ASN A 247 -3.36 -17.01 -7.35
N ILE A 248 -4.13 -15.98 -7.56
CA ILE A 248 -5.08 -15.46 -6.54
C ILE A 248 -6.53 -15.81 -6.92
N ALA A 249 -6.83 -15.88 -8.23
CA ALA A 249 -8.20 -16.05 -8.68
C ALA A 249 -8.82 -17.35 -8.24
N SER A 250 -8.03 -18.40 -8.02
CA SER A 250 -8.55 -19.69 -7.64
C SER A 250 -8.84 -19.79 -6.15
N ALA A 251 -8.46 -18.80 -5.35
CA ALA A 251 -8.66 -18.82 -3.92
C ALA A 251 -9.98 -18.16 -3.59
N PRO A 252 -10.87 -18.79 -2.84
CA PRO A 252 -12.14 -18.13 -2.45
C PRO A 252 -11.84 -17.02 -1.49
N GLY A 253 -12.63 -15.95 -1.59
CA GLY A 253 -12.51 -14.87 -0.65
C GLY A 253 -13.05 -15.21 0.71
N GLN A 254 -12.40 -14.70 1.72
CA GLN A 254 -12.76 -14.91 3.12
C GLN A 254 -12.97 -13.55 3.80
N ARG A 255 -14.13 -13.30 4.34
CA ARG A 255 -14.41 -12.03 5.05
C ARG A 255 -13.64 -12.07 6.37
N LEU A 256 -12.95 -10.98 6.67
CA LEU A 256 -12.24 -10.85 7.95
C LEU A 256 -13.28 -10.62 9.04
N VAL A 257 -13.33 -11.50 10.04
CA VAL A 257 -14.27 -11.41 11.14
C VAL A 257 -13.52 -11.14 12.43
N VAL A 258 -13.98 -10.12 13.16
CA VAL A 258 -13.33 -9.67 14.37
C VAL A 258 -14.14 -10.17 15.57
N SER A 259 -13.45 -10.70 16.59
CA SER A 259 -14.17 -11.33 17.71
C SER A 259 -15.01 -10.34 18.52
N SER A 260 -14.71 -9.04 18.47
CA SER A 260 -15.50 -8.00 19.14
C SER A 260 -16.77 -7.63 18.41
N GLY A 261 -16.89 -8.02 17.14
CA GLY A 261 -17.98 -7.58 16.29
C GLY A 261 -17.72 -6.36 15.46
N THR A 262 -16.59 -5.68 15.66
CA THR A 262 -16.24 -4.58 14.76
C THR A 262 -16.15 -5.14 13.35
N GLN A 263 -16.65 -4.38 12.37
CA GLN A 263 -16.66 -4.79 10.98
C GLN A 263 -15.75 -3.83 10.22
N PRO A 264 -14.48 -4.17 10.07
CA PRO A 264 -13.53 -3.18 9.49
C PRO A 264 -13.84 -2.94 8.02
N THR A 265 -13.67 -1.70 7.59
CA THR A 265 -13.93 -1.33 6.21
C THR A 265 -12.84 -0.42 5.66
N SER A 266 -12.63 -0.57 4.36
CA SER A 266 -11.83 0.27 3.47
C SER A 266 -10.31 0.03 3.63
N SER A 267 -9.62 0.17 2.47
CA SER A 267 -8.20 0.43 2.40
C SER A 267 -7.34 -0.31 3.41
N PRO A 268 -7.24 -1.61 3.25
CA PRO A 268 -6.48 -2.40 4.24
C PRO A 268 -4.98 -2.29 4.07
N TYR A 269 -4.27 -2.66 5.13
CA TYR A 269 -2.85 -2.93 5.07
C TYR A 269 -2.60 -4.15 5.95
N ALA A 270 -1.72 -5.05 5.55
CA ALA A 270 -1.41 -6.26 6.32
C ALA A 270 0.11 -6.46 6.36
N VAL A 271 0.59 -6.92 7.50
CA VAL A 271 1.98 -7.28 7.74
C VAL A 271 1.99 -8.55 8.64
N TRP A 272 3.17 -9.11 8.77
CA TRP A 272 3.38 -10.27 9.63
C TRP A 272 4.66 -10.07 10.45
N THR A 273 4.57 -10.44 11.74
CA THR A 273 5.76 -10.47 12.62
C THR A 273 5.94 -11.87 13.17
N PRO A 274 7.20 -12.28 13.42
CA PRO A 274 7.41 -13.48 14.22
C PRO A 274 6.91 -13.42 15.64
N TYR A 275 6.75 -12.21 16.19
CA TYR A 275 6.31 -12.08 17.57
C TYR A 275 4.87 -12.56 17.75
N GLY A 276 4.61 -12.96 18.99
CA GLY A 276 3.28 -13.26 19.45
C GLY A 276 2.87 -14.68 19.60
N GLY A 277 3.65 -15.61 19.05
CA GLY A 277 3.36 -17.03 19.14
C GLY A 277 4.12 -17.80 18.08
N GLU A 278 3.88 -19.11 18.04
CA GLU A 278 4.63 -20.01 17.17
C GLU A 278 4.42 -19.71 15.69
N ASN A 279 3.25 -19.16 15.31
CA ASN A 279 2.97 -18.78 13.93
C ASN A 279 3.17 -17.29 13.69
N GLY A 280 3.73 -16.57 14.64
CA GLY A 280 3.76 -15.14 14.59
C GLY A 280 2.35 -14.58 14.59
N THR A 281 2.27 -13.31 14.13
CA THR A 281 1.04 -12.55 14.15
C THR A 281 0.90 -11.79 12.84
N ILE A 282 -0.25 -11.94 12.21
CA ILE A 282 -0.66 -11.06 11.11
C ILE A 282 -1.33 -9.86 11.75
N ILE A 283 -0.99 -8.66 11.28
CA ILE A 283 -1.53 -7.40 11.81
C ILE A 283 -2.14 -6.66 10.63
N VAL A 284 -3.40 -6.25 10.77
CA VAL A 284 -4.16 -5.58 9.75
C VAL A 284 -4.70 -4.26 10.26
N SER A 285 -4.64 -3.25 9.38
CA SER A 285 -5.31 -1.97 9.56
C SER A 285 -6.37 -1.82 8.48
N SER A 286 -7.41 -1.06 8.78
CA SER A 286 -8.38 -0.58 7.83
C SER A 286 -8.25 0.95 7.74
N GLY A 287 -8.98 1.54 6.79
CA GLY A 287 -8.97 3.00 6.67
C GLY A 287 -9.98 3.67 7.59
N THR A 288 -10.84 2.94 8.26
CA THR A 288 -11.95 3.53 9.01
C THR A 288 -11.71 3.48 10.50
N GLN A 289 -11.10 2.40 10.99
CA GLN A 289 -10.88 2.17 12.40
C GLN A 289 -9.48 2.64 12.80
N GLY A 290 -9.38 3.17 14.02
CA GLY A 290 -8.11 3.50 14.61
C GLY A 290 -7.36 2.35 15.26
N THR A 291 -8.08 1.34 15.68
CA THR A 291 -7.57 0.12 16.27
C THR A 291 -6.82 -0.70 15.23
N LEU A 292 -6.24 -1.80 15.69
CA LEU A 292 -5.63 -2.80 14.81
C LEU A 292 -6.28 -4.13 15.01
N PHE A 293 -6.11 -5.05 14.06
CA PHE A 293 -6.71 -6.37 14.06
C PHE A 293 -5.60 -7.39 13.92
N ILE A 294 -5.50 -8.33 14.85
CA ILE A 294 -4.42 -9.28 14.81
C ILE A 294 -4.92 -10.71 14.72
N ASN A 295 -4.02 -11.59 14.23
CA ASN A 295 -4.37 -13.01 14.08
C ASN A 295 -3.11 -13.84 14.26
N LYS A 296 -3.11 -14.71 15.27
CA LYS A 296 -1.96 -15.54 15.66
C LYS A 296 -2.08 -16.95 15.10
N ALA A 297 -3.01 -17.16 14.20
CA ALA A 297 -3.29 -18.47 13.61
C ALA A 297 -3.34 -18.41 12.09
N LEU A 298 -2.46 -17.58 11.51
CA LEU A 298 -2.27 -17.56 10.06
C LEU A 298 -3.55 -17.22 9.29
N GLY A 299 -4.47 -16.49 9.93
CA GLY A 299 -5.71 -16.15 9.27
C GLY A 299 -6.88 -17.05 9.60
N GLU A 300 -6.67 -18.08 10.44
CA GLU A 300 -7.76 -18.90 10.94
C GLU A 300 -8.59 -18.19 11.97
N GLY A 301 -9.83 -18.65 12.15
CA GLY A 301 -10.67 -18.15 13.21
C GLY A 301 -11.06 -16.71 13.05
N GLU A 302 -11.12 -16.02 14.17
CA GLU A 302 -11.48 -14.62 14.27
C GLU A 302 -10.26 -13.80 14.67
N TRP A 303 -10.33 -12.52 14.36
CA TRP A 303 -9.28 -11.57 14.62
C TRP A 303 -9.53 -10.83 15.91
N THR A 304 -8.45 -10.48 16.61
CA THR A 304 -8.54 -9.76 17.87
C THR A 304 -8.29 -8.28 17.61
N GLU A 305 -9.23 -7.44 18.03
CA GLU A 305 -9.09 -5.98 17.94
C GLU A 305 -8.26 -5.51 19.13
N ILE A 306 -7.22 -4.71 18.85
CA ILE A 306 -6.36 -4.17 19.89
C ILE A 306 -6.26 -2.69 19.76
N PRO A 307 -5.95 -1.96 20.83
CA PRO A 307 -5.78 -0.52 20.74
C PRO A 307 -4.58 -0.15 19.90
N CYS A 308 -4.58 1.09 19.43
CA CYS A 308 -3.46 1.64 18.67
C CYS A 308 -3.39 3.13 18.94
N PRO A 309 -2.17 3.66 19.21
CA PRO A 309 -2.06 5.09 19.53
C PRO A 309 -2.02 6.00 18.33
N GLU A 310 -1.92 5.49 17.10
CA GLU A 310 -1.94 6.27 15.89
C GLU A 310 -3.37 6.49 15.41
N GLU A 311 -3.66 7.70 14.98
CA GLU A 311 -4.99 8.00 14.45
C GLU A 311 -5.34 7.12 13.28
N HIS A 312 -6.66 6.96 13.07
CA HIS A 312 -7.12 6.32 11.87
C HIS A 312 -6.80 7.18 10.65
N GLY A 313 -6.63 6.53 9.49
CA GLY A 313 -6.47 7.27 8.27
C GLY A 313 -6.61 6.36 7.07
N TYR A 314 -6.76 7.02 5.90
CA TYR A 314 -6.95 6.32 4.66
C TYR A 314 -5.69 5.54 4.27
N THR A 315 -5.89 4.23 3.94
CA THR A 315 -4.81 3.30 3.65
C THR A 315 -3.59 3.45 4.57
N ARG A 316 -3.91 3.59 5.87
CA ARG A 316 -2.89 3.67 6.89
C ARG A 316 -1.92 2.51 6.75
N ALA A 317 -0.62 2.82 6.77
CA ALA A 317 0.43 1.87 6.39
C ALA A 317 1.07 1.29 7.62
N LEU A 318 1.34 -0.02 7.59
CA LEU A 318 1.98 -0.76 8.66
C LEU A 318 3.33 -1.28 8.18
N ARG A 319 4.28 -1.42 9.10
CA ARG A 319 5.55 -2.07 8.79
C ARG A 319 6.10 -2.71 10.08
N VAL A 320 6.44 -3.99 9.99
CA VAL A 320 7.17 -4.67 11.05
C VAL A 320 8.64 -4.39 10.81
N LEU A 321 9.25 -3.63 11.69
CA LEU A 321 10.69 -3.37 11.55
C LEU A 321 11.47 -4.62 11.85
N SER A 322 12.68 -4.72 11.25
CA SER A 322 13.48 -5.91 11.38
C SER A 322 14.10 -6.08 12.76
N GLU A 323 14.30 -5.01 13.45
CA GLU A 323 15.08 -5.01 14.69
C GLU A 323 14.54 -6.00 15.70
N ASP A 324 15.46 -6.64 16.40
CA ASP A 324 15.07 -7.55 17.48
C ASP A 324 14.17 -8.65 16.91
N GLY A 325 14.33 -9.04 15.65
CA GLY A 325 13.54 -10.12 15.08
C GLY A 325 12.08 -9.79 14.90
N GLY A 326 11.74 -8.55 14.60
CA GLY A 326 10.36 -8.16 14.30
C GLY A 326 9.56 -7.62 15.47
N ARG A 327 10.26 -7.05 16.44
CA ARG A 327 9.61 -6.60 17.66
C ARG A 327 8.78 -5.33 17.56
N TYR A 328 9.08 -4.42 16.65
CA TYR A 328 8.46 -3.08 16.63
C TYR A 328 7.65 -2.91 15.35
N LEU A 329 6.46 -2.30 15.54
CA LEU A 329 5.53 -2.02 14.46
C LEU A 329 5.39 -0.51 14.20
N VAL A 330 5.64 -0.09 12.98
CA VAL A 330 5.33 1.25 12.49
C VAL A 330 3.88 1.29 12.05
N VAL A 331 3.18 2.34 12.47
CA VAL A 331 1.81 2.64 12.07
C VAL A 331 1.82 4.09 11.56
N ASN A 332 1.61 4.28 10.26
CA ASN A 332 1.92 5.56 9.58
C ASN A 332 0.69 6.05 8.85
N SER A 333 0.16 7.20 9.24
CA SER A 333 -0.96 7.81 8.58
C SER A 333 -0.53 9.05 7.79
N ALA A 334 -1.28 9.37 6.73
CA ALA A 334 -1.16 10.64 6.02
C ALA A 334 -2.47 11.38 5.97
N GLY A 335 -3.45 11.00 6.78
CA GLY A 335 -4.70 11.71 6.85
C GLY A 335 -5.86 10.97 6.27
N VAL A 336 -6.99 11.67 6.15
CA VAL A 336 -8.26 11.10 5.67
C VAL A 336 -8.61 11.71 4.32
N LEU A 337 -9.45 11.01 3.56
CA LEU A 337 -9.95 11.54 2.29
C LEU A 337 -10.57 12.91 2.51
N LEU A 338 -10.20 13.87 1.67
CA LEU A 338 -10.70 15.21 1.69
C LEU A 338 -10.49 15.89 3.05
N GLY A 339 -9.46 15.48 3.79
CA GLY A 339 -9.26 16.02 5.09
C GLY A 339 -8.84 17.47 5.08
N GLU A 340 -9.38 18.24 6.01
CA GLU A 340 -9.05 19.67 6.12
C GLU A 340 -7.83 19.93 7.00
N ASN A 341 -7.35 18.90 7.73
CA ASN A 341 -6.21 19.08 8.62
C ASN A 341 -5.28 17.88 8.57
N ASN A 342 -5.03 17.36 7.36
CA ASN A 342 -4.18 16.18 7.26
C ASN A 342 -2.72 16.52 7.54
N ARG A 343 -2.01 15.53 8.07
CA ARG A 343 -0.57 15.56 8.23
C ARG A 343 -0.06 14.14 8.13
N VAL A 344 1.24 13.99 7.96
CA VAL A 344 1.88 12.68 7.91
C VAL A 344 2.52 12.43 9.25
N SER A 345 2.11 11.35 9.91
CA SER A 345 2.58 11.01 11.25
C SER A 345 2.89 9.52 11.34
N VAL A 346 3.59 9.16 12.42
CA VAL A 346 3.93 7.78 12.65
C VAL A 346 4.00 7.50 14.15
N SER A 347 3.53 6.29 14.49
CA SER A 347 3.72 5.71 15.83
C SER A 347 4.50 4.40 15.67
N VAL A 348 5.19 4.03 16.76
CA VAL A 348 5.88 2.75 16.83
C VAL A 348 5.38 2.05 18.07
N MET A 349 4.95 0.81 17.92
CA MET A 349 4.45 -0.02 18.98
C MET A 349 5.39 -1.15 19.26
N ASP A 350 5.52 -1.49 20.57
CA ASP A 350 6.37 -2.59 21.04
C ASP A 350 5.56 -3.85 21.06
N LEU A 351 5.73 -4.70 20.07
CA LEU A 351 4.96 -5.95 19.92
C LEU A 351 5.25 -6.95 21.04
N LYS A 352 6.39 -6.82 21.71
CA LYS A 352 6.67 -7.65 22.89
C LYS A 352 5.59 -7.40 23.95
N GLU A 353 5.11 -6.18 24.06
CA GLU A 353 4.10 -5.83 25.05
C GLU A 353 2.68 -5.89 24.51
N VAL A 354 2.43 -5.42 23.27
CA VAL A 354 1.03 -5.19 22.87
C VAL A 354 0.37 -6.42 22.26
N LEU A 355 1.15 -7.42 21.89
CA LEU A 355 0.49 -8.66 21.37
C LEU A 355 0.15 -9.64 22.46
#